data_1PAN
# 
_entry.id   1PAN 
# 
_audit_conform.dict_name       mmcif_pdbx.dic 
_audit_conform.dict_version    5.397 
_audit_conform.dict_location   http://mmcif.pdb.org/dictionaries/ascii/mmcif_pdbx.dic 
# 
loop_
_database_2.database_id 
_database_2.database_code 
_database_2.pdbx_database_accession 
_database_2.pdbx_DOI 
PDB   1PAN         pdb_00001pan 10.2210/pdb1pan/pdb 
WWPDB D_1000175570 ?            ?                   
# 
loop_
_pdbx_audit_revision_history.ordinal 
_pdbx_audit_revision_history.data_content_type 
_pdbx_audit_revision_history.major_revision 
_pdbx_audit_revision_history.minor_revision 
_pdbx_audit_revision_history.revision_date 
1 'Structure model' 1 0 1996-01-29 
2 'Structure model' 1 1 2008-03-24 
3 'Structure model' 1 2 2011-07-13 
4 'Structure model' 1 3 2017-11-29 
5 'Structure model' 1 4 2024-10-30 
# 
_pdbx_audit_revision_details.ordinal             1 
_pdbx_audit_revision_details.revision_ordinal    1 
_pdbx_audit_revision_details.data_content_type   'Structure model' 
_pdbx_audit_revision_details.provider            repository 
_pdbx_audit_revision_details.type                'Initial release' 
_pdbx_audit_revision_details.description         ? 
_pdbx_audit_revision_details.details             ? 
# 
loop_
_pdbx_audit_revision_group.ordinal 
_pdbx_audit_revision_group.revision_ordinal 
_pdbx_audit_revision_group.data_content_type 
_pdbx_audit_revision_group.group 
1 2 'Structure model' 'Version format compliance' 
2 3 'Structure model' 'Version format compliance' 
3 4 'Structure model' 'Derived calculations'      
4 4 'Structure model' Other                       
5 5 'Structure model' 'Data collection'           
6 5 'Structure model' 'Database references'       
7 5 'Structure model' 'Derived calculations'      
8 5 'Structure model' 'Structure summary'         
# 
loop_
_pdbx_audit_revision_category.ordinal 
_pdbx_audit_revision_category.revision_ordinal 
_pdbx_audit_revision_category.data_content_type 
_pdbx_audit_revision_category.category 
1  4 'Structure model' pdbx_database_status      
2  4 'Structure model' pdbx_struct_assembly      
3  4 'Structure model' pdbx_struct_oper_list     
4  4 'Structure model' struct_conf               
5  5 'Structure model' chem_comp_atom            
6  5 'Structure model' chem_comp_bond            
7  5 'Structure model' database_2                
8  5 'Structure model' pdbx_entry_details        
9  5 'Structure model' pdbx_modification_feature 
10 5 'Structure model' struct_conn               
# 
loop_
_pdbx_audit_revision_item.ordinal 
_pdbx_audit_revision_item.revision_ordinal 
_pdbx_audit_revision_item.data_content_type 
_pdbx_audit_revision_item.item 
1 4 'Structure model' '_pdbx_database_status.process_site'  
2 5 'Structure model' '_database_2.pdbx_DOI'                
3 5 'Structure model' '_database_2.pdbx_database_accession' 
4 5 'Structure model' '_struct_conn.pdbx_leaving_atom_flag' 
# 
_pdbx_database_status.status_code                     REL 
_pdbx_database_status.entry_id                        1PAN 
_pdbx_database_status.recvd_initial_deposition_date   1995-10-05 
_pdbx_database_status.deposit_site                    ? 
_pdbx_database_status.process_site                    BNL 
_pdbx_database_status.status_code_sf                  ? 
_pdbx_database_status.status_code_mr                  REL 
_pdbx_database_status.SG_entry                        ? 
_pdbx_database_status.pdb_format_compatible           Y 
_pdbx_database_status.status_code_cs                  ? 
_pdbx_database_status.methods_development_category    ? 
_pdbx_database_status.status_code_nmr_data            ? 
# 
_pdbx_database_related.db_name        PDB 
_pdbx_database_related.db_id          1PAO 
_pdbx_database_related.details        . 
_pdbx_database_related.content_type   ensemble 
# 
loop_
_audit_author.name 
_audit_author.pdbx_ordinal 
'Campbell, A.P.' 1 
'Mcinnes, C.'    2 
'Hodges, R.S.'   3 
'Sykes, B.D.'    4 
# 
loop_
_citation.id 
_citation.title 
_citation.journal_abbrev 
_citation.journal_volume 
_citation.page_first 
_citation.page_last 
_citation.year 
_citation.journal_id_ASTM 
_citation.country 
_citation.journal_id_ISSN 
_citation.journal_id_CSD 
_citation.book_publisher 
_citation.pdbx_database_id_PubMed 
_citation.pdbx_database_id_DOI 
primary 
;Comparison of NMR solution structures of the receptor binding domains of Pseudomonas aeruginosa pili strains PAO, KB7, and PAK: implications for receptor binding and synthetic vaccine design.
;
Biochemistry 34 16255 16268 1995 BICHAW US 0006-2960 0033 ? 8845350 10.1021/bi00050a005 
1       
;Conformational Differences between Cis and Trans Proline Isomers of a Peptide Antigen Representing the Receptor Binding Domain of Pseudomonas Aeruginosa as Studied by 1H NMR
;
Biopolymers  34 1221  ?     1994 BIPMAA US 0006-3525 0161 ? ?       ?                   
2       
'NMR Solution Structure and Flexibility of a Peptide Antigen Representing the Receptor Binding Domain of Pseudomonas Aeruginosa' 
Biochemistry 32 13432 ?     1993 BICHAW US 0006-2960 0033 ? ?       ?                   
# 
loop_
_citation_author.citation_id 
_citation_author.name 
_citation_author.ordinal 
_citation_author.identifier_ORCID 
primary 'Campbell, A.P.'    1  ? 
primary 'McInnes, C.'       2  ? 
primary 'Hodges, R.S.'      3  ? 
primary 'Sykes, B.D.'       4  ? 
1       'Mcinnes, C.'       5  ? 
1       'Kay, C.M.'         6  ? 
1       'Hodges, R.S.'      7  ? 
1       'Sykes, B.D.'       8  ? 
2       'Mcinnes, C.'       9  ? 
2       'Soennichsen, F.D.' 10 ? 
2       'Kay, C.M.'         11 ? 
2       'Hodges, R.S.'      12 ? 
2       'Sykes, B.D.'       13 ? 
# 
_entity.id                         1 
_entity.type                       polymer 
_entity.src_method                 man 
_entity.pdbx_description           'PAO PILIN, TRANS' 
_entity.formula_weight             1871.120 
_entity.pdbx_number_of_molecules   1 
_entity.pdbx_ec                    ? 
_entity.pdbx_mutation              ? 
_entity.pdbx_fragment              ? 
_entity.details                    ? 
# 
_entity_name_com.entity_id   1 
_entity_name_com.name        'FIMBRIAL PROTEIN' 
# 
_entity_poly.entity_id                      1 
_entity_poly.type                           'polypeptide(L)' 
_entity_poly.nstd_linkage                   no 
_entity_poly.nstd_monomer                   yes 
_entity_poly.pdbx_seq_one_letter_code       '(ACE)ACKSTQDPMFTPKGCDN' 
_entity_poly.pdbx_seq_one_letter_code_can   XACKSTQDPMFTPKGCDN 
_entity_poly.pdbx_strand_id                 A 
_entity_poly.pdbx_target_identifier         ? 
# 
loop_
_entity_poly_seq.entity_id 
_entity_poly_seq.num 
_entity_poly_seq.mon_id 
_entity_poly_seq.hetero 
1 1  ACE n 
1 2  ALA n 
1 3  CYS n 
1 4  LYS n 
1 5  SER n 
1 6  THR n 
1 7  GLN n 
1 8  ASP n 
1 9  PRO n 
1 10 MET n 
1 11 PHE n 
1 12 THR n 
1 13 PRO n 
1 14 LYS n 
1 15 GLY n 
1 16 CYS n 
1 17 ASP n 
1 18 ASN n 
# 
_entity_src_gen.entity_id                          1 
_entity_src_gen.pdbx_src_id                        1 
_entity_src_gen.pdbx_alt_source_flag               sample 
_entity_src_gen.pdbx_seq_type                      ? 
_entity_src_gen.pdbx_beg_seq_num                   ? 
_entity_src_gen.pdbx_end_seq_num                   ? 
_entity_src_gen.gene_src_common_name               ? 
_entity_src_gen.gene_src_genus                     Pseudomonas 
_entity_src_gen.pdbx_gene_src_gene                 ? 
_entity_src_gen.gene_src_species                   ? 
_entity_src_gen.gene_src_strain                    O 
_entity_src_gen.gene_src_tissue                    ? 
_entity_src_gen.gene_src_tissue_fraction           ? 
_entity_src_gen.gene_src_details                   ? 
_entity_src_gen.pdbx_gene_src_fragment             ? 
_entity_src_gen.pdbx_gene_src_scientific_name      'Pseudomonas aeruginosa' 
_entity_src_gen.pdbx_gene_src_ncbi_taxonomy_id     287 
_entity_src_gen.pdbx_gene_src_variant              ? 
_entity_src_gen.pdbx_gene_src_cell_line            ? 
_entity_src_gen.pdbx_gene_src_atcc                 ? 
_entity_src_gen.pdbx_gene_src_organ                ? 
_entity_src_gen.pdbx_gene_src_organelle            ? 
_entity_src_gen.pdbx_gene_src_cell                 ? 
_entity_src_gen.pdbx_gene_src_cellular_location    ? 
_entity_src_gen.host_org_common_name               ? 
_entity_src_gen.pdbx_host_org_scientific_name      ? 
_entity_src_gen.pdbx_host_org_ncbi_taxonomy_id     ? 
_entity_src_gen.host_org_genus                     ? 
_entity_src_gen.pdbx_host_org_gene                 ? 
_entity_src_gen.pdbx_host_org_organ                ? 
_entity_src_gen.host_org_species                   ? 
_entity_src_gen.pdbx_host_org_tissue               ? 
_entity_src_gen.pdbx_host_org_tissue_fraction      ? 
_entity_src_gen.pdbx_host_org_strain               ? 
_entity_src_gen.pdbx_host_org_variant              ? 
_entity_src_gen.pdbx_host_org_cell_line            ? 
_entity_src_gen.pdbx_host_org_atcc                 ? 
_entity_src_gen.pdbx_host_org_culture_collection   ? 
_entity_src_gen.pdbx_host_org_cell                 ? 
_entity_src_gen.pdbx_host_org_organelle            ? 
_entity_src_gen.pdbx_host_org_cellular_location    ? 
_entity_src_gen.pdbx_host_org_vector_type          ? 
_entity_src_gen.pdbx_host_org_vector               ? 
_entity_src_gen.host_org_details                   ? 
_entity_src_gen.expression_system_id               ? 
_entity_src_gen.plasmid_name                       ? 
_entity_src_gen.plasmid_details                    ? 
_entity_src_gen.pdbx_description                   ? 
# 
loop_
_chem_comp.id 
_chem_comp.type 
_chem_comp.mon_nstd_flag 
_chem_comp.name 
_chem_comp.pdbx_synonyms 
_chem_comp.formula 
_chem_comp.formula_weight 
ACE non-polymer         . 'ACETYL GROUP'  ? 'C2 H4 O'        44.053  
ALA 'L-peptide linking' y ALANINE         ? 'C3 H7 N O2'     89.093  
ASN 'L-peptide linking' y ASPARAGINE      ? 'C4 H8 N2 O3'    132.118 
ASP 'L-peptide linking' y 'ASPARTIC ACID' ? 'C4 H7 N O4'     133.103 
CYS 'L-peptide linking' y CYSTEINE        ? 'C3 H7 N O2 S'   121.158 
GLN 'L-peptide linking' y GLUTAMINE       ? 'C5 H10 N2 O3'   146.144 
GLY 'peptide linking'   y GLYCINE         ? 'C2 H5 N O2'     75.067  
LYS 'L-peptide linking' y LYSINE          ? 'C6 H15 N2 O2 1' 147.195 
MET 'L-peptide linking' y METHIONINE      ? 'C5 H11 N O2 S'  149.211 
PHE 'L-peptide linking' y PHENYLALANINE   ? 'C9 H11 N O2'    165.189 
PRO 'L-peptide linking' y PROLINE         ? 'C5 H9 N O2'     115.130 
SER 'L-peptide linking' y SERINE          ? 'C3 H7 N O3'     105.093 
THR 'L-peptide linking' y THREONINE       ? 'C4 H9 N O3'     119.119 
# 
loop_
_pdbx_poly_seq_scheme.asym_id 
_pdbx_poly_seq_scheme.entity_id 
_pdbx_poly_seq_scheme.seq_id 
_pdbx_poly_seq_scheme.mon_id 
_pdbx_poly_seq_scheme.ndb_seq_num 
_pdbx_poly_seq_scheme.pdb_seq_num 
_pdbx_poly_seq_scheme.auth_seq_num 
_pdbx_poly_seq_scheme.pdb_mon_id 
_pdbx_poly_seq_scheme.auth_mon_id 
_pdbx_poly_seq_scheme.pdb_strand_id 
_pdbx_poly_seq_scheme.pdb_ins_code 
_pdbx_poly_seq_scheme.hetero 
A 1 1  ACE 1  127 127 ACE ACE A . n 
A 1 2  ALA 2  128 128 ALA ALA A . n 
A 1 3  CYS 3  129 129 CYS CYS A . n 
A 1 4  LYS 4  130 130 LYS LYS A . n 
A 1 5  SER 5  131 131 SER SER A . n 
A 1 6  THR 6  132 132 THR THR A . n 
A 1 7  GLN 7  133 133 GLN GLN A . n 
A 1 8  ASP 8  134 134 ASP ASP A . n 
A 1 9  PRO 9  135 135 PRO PRO A . n 
A 1 10 MET 10 136 136 MET MET A . n 
A 1 11 PHE 11 137 137 PHE PHE A . n 
A 1 12 THR 12 138 138 THR THR A . n 
A 1 13 PRO 13 139 139 PRO PRO A . n 
A 1 14 LYS 14 140 140 LYS LYS A . n 
A 1 15 GLY 15 141 141 GLY GLY A . n 
A 1 16 CYS 16 142 142 CYS CYS A . n 
A 1 17 ASP 17 143 143 ASP ASP A . n 
A 1 18 ASN 18 144 144 ASN ASN A . n 
# 
_cell.entry_id           1PAN 
_cell.length_a           1.000 
_cell.length_b           1.000 
_cell.length_c           1.000 
_cell.angle_alpha        90.00 
_cell.angle_beta         90.00 
_cell.angle_gamma        90.00 
_cell.Z_PDB              1 
_cell.pdbx_unique_axis   ? 
# 
_symmetry.entry_id                         1PAN 
_symmetry.space_group_name_H-M             'P 1' 
_symmetry.pdbx_full_space_group_name_H-M   ? 
_symmetry.cell_setting                     ? 
_symmetry.Int_Tables_number                1 
# 
_exptl.entry_id          1PAN 
_exptl.method            'SOLUTION NMR' 
_exptl.crystals_number   ? 
# 
_struct.entry_id                  1PAN 
_struct.title                     
;A COMPARISON OF NMR SOLUTION STRUCTURES OF THE RECEPTOR BINDING DOMAINS OF PSEUDOMONAS AERUGINOSA PILI STRAINS PAO, KB7, AND PAK: IMPLICATIONS FOR RECEPTOR BINDING AND SYNTHETIC VACCINE DESIGN
;
_struct.pdbx_model_details        ? 
_struct.pdbx_CASP_flag            ? 
_struct.pdbx_model_type_details   ? 
# 
_struct_keywords.entry_id        1PAN 
_struct_keywords.pdbx_keywords   'FIMBRIAL PROTEIN' 
_struct_keywords.text            'FIMBRIAL PROTEIN' 
# 
_struct_asym.id                            A 
_struct_asym.pdbx_blank_PDB_chainid_flag   Y 
_struct_asym.pdbx_modified                 N 
_struct_asym.entity_id                     1 
_struct_asym.details                       ? 
# 
_struct_ref.id                         1 
_struct_ref.db_name                    UNP 
_struct_ref.db_code                    FMPO_PSEAE 
_struct_ref.entity_id                  1 
_struct_ref.pdbx_db_accession          P04739 
_struct_ref.pdbx_align_begin           1 
_struct_ref.pdbx_seq_one_letter_code   
;MKAQKGFTLIELMIVVAIIGILAAIAIPQYQNYVARSEGASALATINPLKTTVEESLSRGIAGSKIKIGTTASTATETYV
GVEPDANKLGVIAVAIEDSGAGDITFTFQTGTSSPKNATKVITLNRTADGVWACKSTQDPMFTPKGCDN
;
_struct_ref.pdbx_db_isoform            ? 
# 
_struct_ref_seq.align_id                      1 
_struct_ref_seq.ref_id                        1 
_struct_ref_seq.pdbx_PDB_id_code              1PAN 
_struct_ref_seq.pdbx_strand_id                A 
_struct_ref_seq.seq_align_beg                 2 
_struct_ref_seq.pdbx_seq_align_beg_ins_code   ? 
_struct_ref_seq.seq_align_end                 18 
_struct_ref_seq.pdbx_seq_align_end_ins_code   ? 
_struct_ref_seq.pdbx_db_accession             P04739 
_struct_ref_seq.db_align_beg                  133 
_struct_ref_seq.pdbx_db_align_beg_ins_code    ? 
_struct_ref_seq.db_align_end                  149 
_struct_ref_seq.pdbx_db_align_end_ins_code    ? 
_struct_ref_seq.pdbx_auth_seq_align_beg       128 
_struct_ref_seq.pdbx_auth_seq_align_end       144 
# 
_pdbx_struct_assembly.id                   1 
_pdbx_struct_assembly.details              author_defined_assembly 
_pdbx_struct_assembly.method_details       ? 
_pdbx_struct_assembly.oligomeric_details   monomeric 
_pdbx_struct_assembly.oligomeric_count     1 
# 
_pdbx_struct_assembly_gen.assembly_id       1 
_pdbx_struct_assembly_gen.oper_expression   1 
_pdbx_struct_assembly_gen.asym_id_list      A 
# 
_pdbx_struct_oper_list.id                   1 
_pdbx_struct_oper_list.type                 'identity operation' 
_pdbx_struct_oper_list.name                 1_555 
_pdbx_struct_oper_list.symmetry_operation   ? 
_pdbx_struct_oper_list.matrix[1][1]         1.0000000000 
_pdbx_struct_oper_list.matrix[1][2]         0.0000000000 
_pdbx_struct_oper_list.matrix[1][3]         0.0000000000 
_pdbx_struct_oper_list.vector[1]            0.0000000000 
_pdbx_struct_oper_list.matrix[2][1]         0.0000000000 
_pdbx_struct_oper_list.matrix[2][2]         1.0000000000 
_pdbx_struct_oper_list.matrix[2][3]         0.0000000000 
_pdbx_struct_oper_list.vector[2]            0.0000000000 
_pdbx_struct_oper_list.matrix[3][1]         0.0000000000 
_pdbx_struct_oper_list.matrix[3][2]         0.0000000000 
_pdbx_struct_oper_list.matrix[3][3]         1.0000000000 
_pdbx_struct_oper_list.vector[3]            0.0000000000 
# 
_struct_biol.id   1 
# 
loop_
_struct_conn.id 
_struct_conn.conn_type_id 
_struct_conn.pdbx_leaving_atom_flag 
_struct_conn.pdbx_PDB_id 
_struct_conn.ptnr1_label_asym_id 
_struct_conn.ptnr1_label_comp_id 
_struct_conn.ptnr1_label_seq_id 
_struct_conn.ptnr1_label_atom_id 
_struct_conn.pdbx_ptnr1_label_alt_id 
_struct_conn.pdbx_ptnr1_PDB_ins_code 
_struct_conn.pdbx_ptnr1_standard_comp_id 
_struct_conn.ptnr1_symmetry 
_struct_conn.ptnr2_label_asym_id 
_struct_conn.ptnr2_label_comp_id 
_struct_conn.ptnr2_label_seq_id 
_struct_conn.ptnr2_label_atom_id 
_struct_conn.pdbx_ptnr2_label_alt_id 
_struct_conn.pdbx_ptnr2_PDB_ins_code 
_struct_conn.ptnr1_auth_asym_id 
_struct_conn.ptnr1_auth_comp_id 
_struct_conn.ptnr1_auth_seq_id 
_struct_conn.ptnr2_auth_asym_id 
_struct_conn.ptnr2_auth_comp_id 
_struct_conn.ptnr2_auth_seq_id 
_struct_conn.ptnr2_symmetry 
_struct_conn.pdbx_ptnr3_label_atom_id 
_struct_conn.pdbx_ptnr3_label_seq_id 
_struct_conn.pdbx_ptnr3_label_comp_id 
_struct_conn.pdbx_ptnr3_label_asym_id 
_struct_conn.pdbx_ptnr3_label_alt_id 
_struct_conn.pdbx_ptnr3_PDB_ins_code 
_struct_conn.details 
_struct_conn.pdbx_dist_value 
_struct_conn.pdbx_value_order 
_struct_conn.pdbx_role 
disulf1 disulf ?    ? A CYS 3 SG ? ? ? 1_555 A CYS 16 SG ? ? A CYS 129 A CYS 142 1_555 ? ? ? ? ? ? ? 1.995 ? ? 
covale1 covale both ? A ACE 1 C  ? ? ? 1_555 A ALA 2  N  ? ? A ACE 127 A ALA 128 1_555 ? ? ? ? ? ? ? 1.342 ? ? 
# 
loop_
_struct_conn_type.id 
_struct_conn_type.criteria 
_struct_conn_type.reference 
disulf ? ? 
covale ? ? 
# 
loop_
_pdbx_modification_feature.ordinal 
_pdbx_modification_feature.label_comp_id 
_pdbx_modification_feature.label_asym_id 
_pdbx_modification_feature.label_seq_id 
_pdbx_modification_feature.label_alt_id 
_pdbx_modification_feature.modified_residue_label_comp_id 
_pdbx_modification_feature.modified_residue_label_asym_id 
_pdbx_modification_feature.modified_residue_label_seq_id 
_pdbx_modification_feature.modified_residue_label_alt_id 
_pdbx_modification_feature.auth_comp_id 
_pdbx_modification_feature.auth_asym_id 
_pdbx_modification_feature.auth_seq_id 
_pdbx_modification_feature.PDB_ins_code 
_pdbx_modification_feature.symmetry 
_pdbx_modification_feature.modified_residue_auth_comp_id 
_pdbx_modification_feature.modified_residue_auth_asym_id 
_pdbx_modification_feature.modified_residue_auth_seq_id 
_pdbx_modification_feature.modified_residue_PDB_ins_code 
_pdbx_modification_feature.modified_residue_symmetry 
_pdbx_modification_feature.comp_id_linking_atom 
_pdbx_modification_feature.modified_residue_id_linking_atom 
_pdbx_modification_feature.modified_residue_id 
_pdbx_modification_feature.ref_pcm_id 
_pdbx_modification_feature.ref_comp_id 
_pdbx_modification_feature.type 
_pdbx_modification_feature.category 
1 ACE A 1 ? ALA A 2  ? ACE A 127 ? 1_555 ALA A 128 ? 1_555 .  .  ALA 1 ACE None 'Terminal acetylation' 
2 CYS A 3 ? CYS A 16 ? CYS A 129 ? 1_555 CYS A 142 ? 1_555 SG SG .   . .   None 'Disulfide bridge'     
# 
_pdbx_entry_details.entry_id                   1PAN 
_pdbx_entry_details.compound_details           ? 
_pdbx_entry_details.source_details             ? 
_pdbx_entry_details.nonpolymer_details         ? 
_pdbx_entry_details.sequence_details           ? 
_pdbx_entry_details.has_ligand_of_interest     ? 
_pdbx_entry_details.has_protein_modification   Y 
# 
_pdbx_validate_torsion.id              1 
_pdbx_validate_torsion.PDB_model_num   1 
_pdbx_validate_torsion.auth_comp_id    CYS 
_pdbx_validate_torsion.auth_asym_id    A 
_pdbx_validate_torsion.auth_seq_id     142 
_pdbx_validate_torsion.PDB_ins_code    ? 
_pdbx_validate_torsion.label_alt_id    ? 
_pdbx_validate_torsion.phi             -110.69 
_pdbx_validate_torsion.psi             -86.37 
# 
_pdbx_nmr_ensemble.entry_id                             1PAN 
_pdbx_nmr_ensemble.conformers_calculated_total_number   ? 
_pdbx_nmr_ensemble.conformers_submitted_total_number    1 
_pdbx_nmr_ensemble.conformer_selection_criteria         ? 
# 
_pdbx_nmr_software.classification   refinement 
_pdbx_nmr_software.name             'PEPFLEX II' 
_pdbx_nmr_software.version          ? 
_pdbx_nmr_software.authors          ? 
_pdbx_nmr_software.ordinal          1 
# 
loop_
_chem_comp_atom.comp_id 
_chem_comp_atom.atom_id 
_chem_comp_atom.type_symbol 
_chem_comp_atom.pdbx_aromatic_flag 
_chem_comp_atom.pdbx_stereo_config 
_chem_comp_atom.pdbx_ordinal 
ACE C    C N N 1   
ACE O    O N N 2   
ACE CH3  C N N 3   
ACE H    H N N 4   
ACE H1   H N N 5   
ACE H2   H N N 6   
ACE H3   H N N 7   
ALA N    N N N 8   
ALA CA   C N S 9   
ALA C    C N N 10  
ALA O    O N N 11  
ALA CB   C N N 12  
ALA OXT  O N N 13  
ALA H    H N N 14  
ALA H2   H N N 15  
ALA HA   H N N 16  
ALA HB1  H N N 17  
ALA HB2  H N N 18  
ALA HB3  H N N 19  
ALA HXT  H N N 20  
ASN N    N N N 21  
ASN CA   C N S 22  
ASN C    C N N 23  
ASN O    O N N 24  
ASN CB   C N N 25  
ASN CG   C N N 26  
ASN OD1  O N N 27  
ASN ND2  N N N 28  
ASN OXT  O N N 29  
ASN H    H N N 30  
ASN H2   H N N 31  
ASN HA   H N N 32  
ASN HB2  H N N 33  
ASN HB3  H N N 34  
ASN HD21 H N N 35  
ASN HD22 H N N 36  
ASN HXT  H N N 37  
ASP N    N N N 38  
ASP CA   C N S 39  
ASP C    C N N 40  
ASP O    O N N 41  
ASP CB   C N N 42  
ASP CG   C N N 43  
ASP OD1  O N N 44  
ASP OD2  O N N 45  
ASP OXT  O N N 46  
ASP H    H N N 47  
ASP H2   H N N 48  
ASP HA   H N N 49  
ASP HB2  H N N 50  
ASP HB3  H N N 51  
ASP HD2  H N N 52  
ASP HXT  H N N 53  
CYS N    N N N 54  
CYS CA   C N R 55  
CYS C    C N N 56  
CYS O    O N N 57  
CYS CB   C N N 58  
CYS SG   S N N 59  
CYS OXT  O N N 60  
CYS H    H N N 61  
CYS H2   H N N 62  
CYS HA   H N N 63  
CYS HB2  H N N 64  
CYS HB3  H N N 65  
CYS HG   H N N 66  
CYS HXT  H N N 67  
GLN N    N N N 68  
GLN CA   C N S 69  
GLN C    C N N 70  
GLN O    O N N 71  
GLN CB   C N N 72  
GLN CG   C N N 73  
GLN CD   C N N 74  
GLN OE1  O N N 75  
GLN NE2  N N N 76  
GLN OXT  O N N 77  
GLN H    H N N 78  
GLN H2   H N N 79  
GLN HA   H N N 80  
GLN HB2  H N N 81  
GLN HB3  H N N 82  
GLN HG2  H N N 83  
GLN HG3  H N N 84  
GLN HE21 H N N 85  
GLN HE22 H N N 86  
GLN HXT  H N N 87  
GLY N    N N N 88  
GLY CA   C N N 89  
GLY C    C N N 90  
GLY O    O N N 91  
GLY OXT  O N N 92  
GLY H    H N N 93  
GLY H2   H N N 94  
GLY HA2  H N N 95  
GLY HA3  H N N 96  
GLY HXT  H N N 97  
LYS N    N N N 98  
LYS CA   C N S 99  
LYS C    C N N 100 
LYS O    O N N 101 
LYS CB   C N N 102 
LYS CG   C N N 103 
LYS CD   C N N 104 
LYS CE   C N N 105 
LYS NZ   N N N 106 
LYS OXT  O N N 107 
LYS H    H N N 108 
LYS H2   H N N 109 
LYS HA   H N N 110 
LYS HB2  H N N 111 
LYS HB3  H N N 112 
LYS HG2  H N N 113 
LYS HG3  H N N 114 
LYS HD2  H N N 115 
LYS HD3  H N N 116 
LYS HE2  H N N 117 
LYS HE3  H N N 118 
LYS HZ1  H N N 119 
LYS HZ2  H N N 120 
LYS HZ3  H N N 121 
LYS HXT  H N N 122 
MET N    N N N 123 
MET CA   C N S 124 
MET C    C N N 125 
MET O    O N N 126 
MET CB   C N N 127 
MET CG   C N N 128 
MET SD   S N N 129 
MET CE   C N N 130 
MET OXT  O N N 131 
MET H    H N N 132 
MET H2   H N N 133 
MET HA   H N N 134 
MET HB2  H N N 135 
MET HB3  H N N 136 
MET HG2  H N N 137 
MET HG3  H N N 138 
MET HE1  H N N 139 
MET HE2  H N N 140 
MET HE3  H N N 141 
MET HXT  H N N 142 
PHE N    N N N 143 
PHE CA   C N S 144 
PHE C    C N N 145 
PHE O    O N N 146 
PHE CB   C N N 147 
PHE CG   C Y N 148 
PHE CD1  C Y N 149 
PHE CD2  C Y N 150 
PHE CE1  C Y N 151 
PHE CE2  C Y N 152 
PHE CZ   C Y N 153 
PHE OXT  O N N 154 
PHE H    H N N 155 
PHE H2   H N N 156 
PHE HA   H N N 157 
PHE HB2  H N N 158 
PHE HB3  H N N 159 
PHE HD1  H N N 160 
PHE HD2  H N N 161 
PHE HE1  H N N 162 
PHE HE2  H N N 163 
PHE HZ   H N N 164 
PHE HXT  H N N 165 
PRO N    N N N 166 
PRO CA   C N S 167 
PRO C    C N N 168 
PRO O    O N N 169 
PRO CB   C N N 170 
PRO CG   C N N 171 
PRO CD   C N N 172 
PRO OXT  O N N 173 
PRO H    H N N 174 
PRO HA   H N N 175 
PRO HB2  H N N 176 
PRO HB3  H N N 177 
PRO HG2  H N N 178 
PRO HG3  H N N 179 
PRO HD2  H N N 180 
PRO HD3  H N N 181 
PRO HXT  H N N 182 
SER N    N N N 183 
SER CA   C N S 184 
SER C    C N N 185 
SER O    O N N 186 
SER CB   C N N 187 
SER OG   O N N 188 
SER OXT  O N N 189 
SER H    H N N 190 
SER H2   H N N 191 
SER HA   H N N 192 
SER HB2  H N N 193 
SER HB3  H N N 194 
SER HG   H N N 195 
SER HXT  H N N 196 
THR N    N N N 197 
THR CA   C N S 198 
THR C    C N N 199 
THR O    O N N 200 
THR CB   C N R 201 
THR OG1  O N N 202 
THR CG2  C N N 203 
THR OXT  O N N 204 
THR H    H N N 205 
THR H2   H N N 206 
THR HA   H N N 207 
THR HB   H N N 208 
THR HG1  H N N 209 
THR HG21 H N N 210 
THR HG22 H N N 211 
THR HG23 H N N 212 
THR HXT  H N N 213 
# 
loop_
_chem_comp_bond.comp_id 
_chem_comp_bond.atom_id_1 
_chem_comp_bond.atom_id_2 
_chem_comp_bond.value_order 
_chem_comp_bond.pdbx_aromatic_flag 
_chem_comp_bond.pdbx_stereo_config 
_chem_comp_bond.pdbx_ordinal 
ACE C   O    doub N N 1   
ACE C   CH3  sing N N 2   
ACE C   H    sing N N 3   
ACE CH3 H1   sing N N 4   
ACE CH3 H2   sing N N 5   
ACE CH3 H3   sing N N 6   
ALA N   CA   sing N N 7   
ALA N   H    sing N N 8   
ALA N   H2   sing N N 9   
ALA CA  C    sing N N 10  
ALA CA  CB   sing N N 11  
ALA CA  HA   sing N N 12  
ALA C   O    doub N N 13  
ALA C   OXT  sing N N 14  
ALA CB  HB1  sing N N 15  
ALA CB  HB2  sing N N 16  
ALA CB  HB3  sing N N 17  
ALA OXT HXT  sing N N 18  
ASN N   CA   sing N N 19  
ASN N   H    sing N N 20  
ASN N   H2   sing N N 21  
ASN CA  C    sing N N 22  
ASN CA  CB   sing N N 23  
ASN CA  HA   sing N N 24  
ASN C   O    doub N N 25  
ASN C   OXT  sing N N 26  
ASN CB  CG   sing N N 27  
ASN CB  HB2  sing N N 28  
ASN CB  HB3  sing N N 29  
ASN CG  OD1  doub N N 30  
ASN CG  ND2  sing N N 31  
ASN ND2 HD21 sing N N 32  
ASN ND2 HD22 sing N N 33  
ASN OXT HXT  sing N N 34  
ASP N   CA   sing N N 35  
ASP N   H    sing N N 36  
ASP N   H2   sing N N 37  
ASP CA  C    sing N N 38  
ASP CA  CB   sing N N 39  
ASP CA  HA   sing N N 40  
ASP C   O    doub N N 41  
ASP C   OXT  sing N N 42  
ASP CB  CG   sing N N 43  
ASP CB  HB2  sing N N 44  
ASP CB  HB3  sing N N 45  
ASP CG  OD1  doub N N 46  
ASP CG  OD2  sing N N 47  
ASP OD2 HD2  sing N N 48  
ASP OXT HXT  sing N N 49  
CYS N   CA   sing N N 50  
CYS N   H    sing N N 51  
CYS N   H2   sing N N 52  
CYS CA  C    sing N N 53  
CYS CA  CB   sing N N 54  
CYS CA  HA   sing N N 55  
CYS C   O    doub N N 56  
CYS C   OXT  sing N N 57  
CYS CB  SG   sing N N 58  
CYS CB  HB2  sing N N 59  
CYS CB  HB3  sing N N 60  
CYS SG  HG   sing N N 61  
CYS OXT HXT  sing N N 62  
GLN N   CA   sing N N 63  
GLN N   H    sing N N 64  
GLN N   H2   sing N N 65  
GLN CA  C    sing N N 66  
GLN CA  CB   sing N N 67  
GLN CA  HA   sing N N 68  
GLN C   O    doub N N 69  
GLN C   OXT  sing N N 70  
GLN CB  CG   sing N N 71  
GLN CB  HB2  sing N N 72  
GLN CB  HB3  sing N N 73  
GLN CG  CD   sing N N 74  
GLN CG  HG2  sing N N 75  
GLN CG  HG3  sing N N 76  
GLN CD  OE1  doub N N 77  
GLN CD  NE2  sing N N 78  
GLN NE2 HE21 sing N N 79  
GLN NE2 HE22 sing N N 80  
GLN OXT HXT  sing N N 81  
GLY N   CA   sing N N 82  
GLY N   H    sing N N 83  
GLY N   H2   sing N N 84  
GLY CA  C    sing N N 85  
GLY CA  HA2  sing N N 86  
GLY CA  HA3  sing N N 87  
GLY C   O    doub N N 88  
GLY C   OXT  sing N N 89  
GLY OXT HXT  sing N N 90  
LYS N   CA   sing N N 91  
LYS N   H    sing N N 92  
LYS N   H2   sing N N 93  
LYS CA  C    sing N N 94  
LYS CA  CB   sing N N 95  
LYS CA  HA   sing N N 96  
LYS C   O    doub N N 97  
LYS C   OXT  sing N N 98  
LYS CB  CG   sing N N 99  
LYS CB  HB2  sing N N 100 
LYS CB  HB3  sing N N 101 
LYS CG  CD   sing N N 102 
LYS CG  HG2  sing N N 103 
LYS CG  HG3  sing N N 104 
LYS CD  CE   sing N N 105 
LYS CD  HD2  sing N N 106 
LYS CD  HD3  sing N N 107 
LYS CE  NZ   sing N N 108 
LYS CE  HE2  sing N N 109 
LYS CE  HE3  sing N N 110 
LYS NZ  HZ1  sing N N 111 
LYS NZ  HZ2  sing N N 112 
LYS NZ  HZ3  sing N N 113 
LYS OXT HXT  sing N N 114 
MET N   CA   sing N N 115 
MET N   H    sing N N 116 
MET N   H2   sing N N 117 
MET CA  C    sing N N 118 
MET CA  CB   sing N N 119 
MET CA  HA   sing N N 120 
MET C   O    doub N N 121 
MET C   OXT  sing N N 122 
MET CB  CG   sing N N 123 
MET CB  HB2  sing N N 124 
MET CB  HB3  sing N N 125 
MET CG  SD   sing N N 126 
MET CG  HG2  sing N N 127 
MET CG  HG3  sing N N 128 
MET SD  CE   sing N N 129 
MET CE  HE1  sing N N 130 
MET CE  HE2  sing N N 131 
MET CE  HE3  sing N N 132 
MET OXT HXT  sing N N 133 
PHE N   CA   sing N N 134 
PHE N   H    sing N N 135 
PHE N   H2   sing N N 136 
PHE CA  C    sing N N 137 
PHE CA  CB   sing N N 138 
PHE CA  HA   sing N N 139 
PHE C   O    doub N N 140 
PHE C   OXT  sing N N 141 
PHE CB  CG   sing N N 142 
PHE CB  HB2  sing N N 143 
PHE CB  HB3  sing N N 144 
PHE CG  CD1  doub Y N 145 
PHE CG  CD2  sing Y N 146 
PHE CD1 CE1  sing Y N 147 
PHE CD1 HD1  sing N N 148 
PHE CD2 CE2  doub Y N 149 
PHE CD2 HD2  sing N N 150 
PHE CE1 CZ   doub Y N 151 
PHE CE1 HE1  sing N N 152 
PHE CE2 CZ   sing Y N 153 
PHE CE2 HE2  sing N N 154 
PHE CZ  HZ   sing N N 155 
PHE OXT HXT  sing N N 156 
PRO N   CA   sing N N 157 
PRO N   CD   sing N N 158 
PRO N   H    sing N N 159 
PRO CA  C    sing N N 160 
PRO CA  CB   sing N N 161 
PRO CA  HA   sing N N 162 
PRO C   O    doub N N 163 
PRO C   OXT  sing N N 164 
PRO CB  CG   sing N N 165 
PRO CB  HB2  sing N N 166 
PRO CB  HB3  sing N N 167 
PRO CG  CD   sing N N 168 
PRO CG  HG2  sing N N 169 
PRO CG  HG3  sing N N 170 
PRO CD  HD2  sing N N 171 
PRO CD  HD3  sing N N 172 
PRO OXT HXT  sing N N 173 
SER N   CA   sing N N 174 
SER N   H    sing N N 175 
SER N   H2   sing N N 176 
SER CA  C    sing N N 177 
SER CA  CB   sing N N 178 
SER CA  HA   sing N N 179 
SER C   O    doub N N 180 
SER C   OXT  sing N N 181 
SER CB  OG   sing N N 182 
SER CB  HB2  sing N N 183 
SER CB  HB3  sing N N 184 
SER OG  HG   sing N N 185 
SER OXT HXT  sing N N 186 
THR N   CA   sing N N 187 
THR N   H    sing N N 188 
THR N   H2   sing N N 189 
THR CA  C    sing N N 190 
THR CA  CB   sing N N 191 
THR CA  HA   sing N N 192 
THR C   O    doub N N 193 
THR C   OXT  sing N N 194 
THR CB  OG1  sing N N 195 
THR CB  CG2  sing N N 196 
THR CB  HB   sing N N 197 
THR OG1 HG1  sing N N 198 
THR CG2 HG21 sing N N 199 
THR CG2 HG22 sing N N 200 
THR CG2 HG23 sing N N 201 
THR OXT HXT  sing N N 202 
# 
_atom_sites.entry_id                    1PAN 
_atom_sites.fract_transf_matrix[1][1]   1.000000 
_atom_sites.fract_transf_matrix[1][2]   0.000000 
_atom_sites.fract_transf_matrix[1][3]   0.000000 
_atom_sites.fract_transf_matrix[2][1]   0.000000 
_atom_sites.fract_transf_matrix[2][2]   1.000000 
_atom_sites.fract_transf_matrix[2][3]   0.000000 
_atom_sites.fract_transf_matrix[3][1]   0.000000 
_atom_sites.fract_transf_matrix[3][2]   0.000000 
_atom_sites.fract_transf_matrix[3][3]   1.000000 
_atom_sites.fract_transf_vector[1]      0.00000 
_atom_sites.fract_transf_vector[2]      0.00000 
_atom_sites.fract_transf_vector[3]      0.00000 
# 
loop_
_atom_type.symbol 
C 
H 
N 
O 
S 
# 
loop_
_atom_site.group_PDB 
_atom_site.id 
_atom_site.type_symbol 
_atom_site.label_atom_id 
_atom_site.label_alt_id 
_atom_site.label_comp_id 
_atom_site.label_asym_id 
_atom_site.label_entity_id 
_atom_site.label_seq_id 
_atom_site.pdbx_PDB_ins_code 
_atom_site.Cartn_x 
_atom_site.Cartn_y 
_atom_site.Cartn_z 
_atom_site.occupancy 
_atom_site.B_iso_or_equiv 
_atom_site.pdbx_formal_charge 
_atom_site.auth_seq_id 
_atom_site.auth_comp_id 
_atom_site.auth_asym_id 
_atom_site.auth_atom_id 
_atom_site.pdbx_PDB_model_num 
HETATM 1   C C    . ACE A 1 1  ? -9.927  2.860  -4.273  1.00 0.00 ? 127 ACE A C    1 
HETATM 2   O O    . ACE A 1 1  ? -8.814  3.174  -4.703  1.00 0.00 ? 127 ACE A O    1 
HETATM 3   C CH3  . ACE A 1 1  ? -10.764 1.802  -4.992  1.00 0.00 ? 127 ACE A CH3  1 
HETATM 4   H H1   . ACE A 1 1  ? -11.732 2.212  -5.334  1.00 0.00 ? 127 ACE A H1   1 
HETATM 5   H H2   . ACE A 1 1  ? -10.239 1.415  -5.885  1.00 0.00 ? 127 ACE A H2   1 
HETATM 6   H H3   . ACE A 1 1  ? -10.974 0.937  -4.336  1.00 0.00 ? 127 ACE A H3   1 
ATOM   7   N N    . ALA A 1 2  ? -10.487 3.392  -3.175  1.00 0.00 ? 128 ALA A N    1 
ATOM   8   C CA   . ALA A 1 2  ? -9.819  4.430  -2.349  1.00 0.00 ? 128 ALA A CA   1 
ATOM   9   C C    . ALA A 1 2  ? -9.099  3.758  -1.148  1.00 0.00 ? 128 ALA A C    1 
ATOM   10  O O    . ALA A 1 2  ? -9.721  3.432  -0.131  1.00 0.00 ? 128 ALA A O    1 
ATOM   11  C CB   . ALA A 1 2  ? -10.876 5.457  -1.893  1.00 0.00 ? 128 ALA A CB   1 
ATOM   12  H H    . ALA A 1 2  ? -11.405 3.006  -2.929  1.00 0.00 ? 128 ALA A H    1 
ATOM   13  H HA   . ALA A 1 2  ? -9.086  4.999  -2.957  1.00 0.00 ? 128 ALA A HA   1 
ATOM   14  H HB1  . ALA A 1 2  ? -11.680 4.998  -1.286  1.00 0.00 ? 128 ALA A HB1  1 
ATOM   15  H HB2  . ALA A 1 2  ? -10.421 6.255  -1.277  1.00 0.00 ? 128 ALA A HB2  1 
ATOM   16  H HB3  . ALA A 1 2  ? -11.359 5.956  -2.753  1.00 0.00 ? 128 ALA A HB3  1 
ATOM   17  N N    . CYS A 1 3  ? -7.781  3.536  -1.306  1.00 0.00 ? 129 CYS A N    1 
ATOM   18  C CA   . CYS A 1 3  ? -6.933  2.860  -0.289  1.00 0.00 ? 129 CYS A CA   1 
ATOM   19  C C    . CYS A 1 3  ? -5.964  3.872  0.394   1.00 0.00 ? 129 CYS A C    1 
ATOM   20  O O    . CYS A 1 3  ? -5.555  4.878  -0.197  1.00 0.00 ? 129 CYS A O    1 
ATOM   21  C CB   . CYS A 1 3  ? -6.181  1.712  -0.998  1.00 0.00 ? 129 CYS A CB   1 
ATOM   22  S SG   . CYS A 1 3  ? -5.513  0.569  0.224   1.00 0.00 ? 129 CYS A SG   1 
ATOM   23  H H    . CYS A 1 3  ? -7.395  3.854  -2.201  1.00 0.00 ? 129 CYS A H    1 
ATOM   24  H HA   . CYS A 1 3  ? -7.574  2.390  0.484   1.00 0.00 ? 129 CYS A HA   1 
ATOM   25  H HB2  . CYS A 1 3  ? -6.858  1.128  -1.651  1.00 0.00 ? 129 CYS A HB2  1 
ATOM   26  H HB3  . CYS A 1 3  ? -5.371  2.094  -1.647  1.00 0.00 ? 129 CYS A HB3  1 
ATOM   27  N N    . LYS A 1 4  ? -5.578  3.572  1.651   1.00 0.00 ? 130 LYS A N    1 
ATOM   28  C CA   . LYS A 1 4  ? -4.654  4.428  2.449   1.00 0.00 ? 130 LYS A CA   1 
ATOM   29  C C    . LYS A 1 4  ? -3.181  4.268  1.964   1.00 0.00 ? 130 LYS A C    1 
ATOM   30  O O    . LYS A 1 4  ? -2.668  3.149  1.855   1.00 0.00 ? 130 LYS A O    1 
ATOM   31  C CB   . LYS A 1 4  ? -4.818  4.044  3.949   1.00 0.00 ? 130 LYS A CB   1 
ATOM   32  C CG   . LYS A 1 4  ? -3.960  4.819  4.981   1.00 0.00 ? 130 LYS A CG   1 
ATOM   33  C CD   . LYS A 1 4  ? -4.252  6.334  5.078   1.00 0.00 ? 130 LYS A CD   1 
ATOM   34  C CE   . LYS A 1 4  ? -3.340  7.102  6.056   1.00 0.00 ? 130 LYS A CE   1 
ATOM   35  N NZ   . LYS A 1 4  ? -3.598  6.784  7.473   1.00 0.00 ? 130 LYS A NZ   1 
ATOM   36  H H    . LYS A 1 4  ? -5.980  2.708  2.029   1.00 0.00 ? 130 LYS A H    1 
ATOM   37  H HA   . LYS A 1 4  ? -4.978  5.482  2.335   1.00 0.00 ? 130 LYS A HA   1 
ATOM   38  H HB2  . LYS A 1 4  ? -5.881  4.151  4.242   1.00 0.00 ? 130 LYS A HB2  1 
ATOM   39  H HB3  . LYS A 1 4  ? -4.598  2.966  4.079   1.00 0.00 ? 130 LYS A HB3  1 
ATOM   40  H HG2  . LYS A 1 4  ? -4.118  4.358  5.974   1.00 0.00 ? 130 LYS A HG2  1 
ATOM   41  H HG3  . LYS A 1 4  ? -2.889  4.659  4.760   1.00 0.00 ? 130 LYS A HG3  1 
ATOM   42  H HD2  . LYS A 1 4  ? -4.123  6.788  4.078   1.00 0.00 ? 130 LYS A HD2  1 
ATOM   43  H HD3  . LYS A 1 4  ? -5.314  6.502  5.337   1.00 0.00 ? 130 LYS A HD3  1 
ATOM   44  H HE2  . LYS A 1 4  ? -2.276  6.910  5.822   1.00 0.00 ? 130 LYS A HE2  1 
ATOM   45  H HE3  . LYS A 1 4  ? -3.485  8.189  5.910   1.00 0.00 ? 130 LYS A HE3  1 
ATOM   46  H HZ1  . LYS A 1 4  ? -4.566  6.998  7.738   1.00 0.00 ? 130 LYS A HZ1  1 
ATOM   47  H HZ2  . LYS A 1 4  ? -3.441  5.790  7.672   1.00 0.00 ? 130 LYS A HZ2  1 
ATOM   48  H HZ3  . LYS A 1 4  ? -2.986  7.320  8.098   1.00 0.00 ? 130 LYS A HZ3  1 
ATOM   49  N N    . SER A 1 5  ? -2.515  5.409  1.698   1.00 0.00 ? 131 SER A N    1 
ATOM   50  C CA   . SER A 1 5  ? -1.109  5.439  1.210   1.00 0.00 ? 131 SER A CA   1 
ATOM   51  C C    . SER A 1 5  ? -0.111  5.388  2.401   1.00 0.00 ? 131 SER A C    1 
ATOM   52  O O    . SER A 1 5  ? 0.193   6.407  3.031   1.00 0.00 ? 131 SER A O    1 
ATOM   53  C CB   . SER A 1 5  ? -0.906  6.683  0.307   1.00 0.00 ? 131 SER A CB   1 
ATOM   54  O OG   . SER A 1 5  ? -1.139  7.908  0.998   1.00 0.00 ? 131 SER A OG   1 
ATOM   55  H H    . SER A 1 5  ? -3.054  6.268  1.843   1.00 0.00 ? 131 SER A H    1 
ATOM   56  H HA   . SER A 1 5  ? -0.930  4.563  0.555   1.00 0.00 ? 131 SER A HA   1 
ATOM   57  H HB2  . SER A 1 5  ? 0.127   6.688  -0.086  1.00 0.00 ? 131 SER A HB2  1 
ATOM   58  H HB3  . SER A 1 5  ? -1.570  6.629  -0.575  1.00 0.00 ? 131 SER A HB3  1 
ATOM   59  H HG   . SER A 1 5  ? -0.980  8.606  0.360   1.00 0.00 ? 131 SER A HG   1 
ATOM   60  N N    . THR A 1 6  ? 0.369   4.170  2.707   1.00 0.00 ? 132 THR A N    1 
ATOM   61  C CA   . THR A 1 6  ? 1.333   3.922  3.814   1.00 0.00 ? 132 THR A CA   1 
ATOM   62  C C    . THR A 1 6  ? 2.239   2.751  3.328   1.00 0.00 ? 132 THR A C    1 
ATOM   63  O O    . THR A 1 6  ? 2.010   1.596  3.693   1.00 0.00 ? 132 THR A O    1 
ATOM   64  C CB   . THR A 1 6  ? 0.548   3.636  5.141   1.00 0.00 ? 132 THR A CB   1 
ATOM   65  O OG1  . THR A 1 6  ? -0.231  4.774  5.502   1.00 0.00 ? 132 THR A OG1  1 
ATOM   66  C CG2  . THR A 1 6  ? 1.438   3.320  6.352   1.00 0.00 ? 132 THR A CG2  1 
ATOM   67  H H    . THR A 1 6  ? 0.015   3.409  2.117   1.00 0.00 ? 132 THR A H    1 
ATOM   68  H HA   . THR A 1 6  ? 1.972   4.813  3.976   1.00 0.00 ? 132 THR A HA   1 
ATOM   69  H HB   . THR A 1 6  ? -0.138  2.782  4.981   1.00 0.00 ? 132 THR A HB   1 
ATOM   70  H HG1  . THR A 1 6  ? -0.817  4.940  4.759   1.00 0.00 ? 132 THR A HG1  1 
ATOM   71  H HG21 . THR A 1 6  ? 2.189   4.112  6.529   1.00 0.00 ? 132 THR A HG21 1 
ATOM   72  H HG22 . THR A 1 6  ? 0.836   3.216  7.273   1.00 0.00 ? 132 THR A HG22 1 
ATOM   73  H HG23 . THR A 1 6  ? 1.979   2.366  6.219   1.00 0.00 ? 132 THR A HG23 1 
ATOM   74  N N    . GLN A 1 7  ? 3.275   3.050  2.513   1.00 0.00 ? 133 GLN A N    1 
ATOM   75  C CA   . GLN A 1 7  ? 4.126   2.005  1.872   1.00 0.00 ? 133 GLN A CA   1 
ATOM   76  C C    . GLN A 1 7  ? 5.252   1.547  2.845   1.00 0.00 ? 133 GLN A C    1 
ATOM   77  O O    . GLN A 1 7  ? 6.253   2.240  3.052   1.00 0.00 ? 133 GLN A O    1 
ATOM   78  C CB   . GLN A 1 7  ? 4.686   2.515  0.515   1.00 0.00 ? 133 GLN A CB   1 
ATOM   79  C CG   . GLN A 1 7  ? 3.610   2.616  -0.595  1.00 0.00 ? 133 GLN A CG   1 
ATOM   80  C CD   . GLN A 1 7  ? 4.166   3.055  -1.958  1.00 0.00 ? 133 GLN A CD   1 
ATOM   81  O OE1  . GLN A 1 7  ? 4.739   2.259  -2.701  1.00 0.00 ? 133 GLN A OE1  1 
ATOM   82  N NE2  . GLN A 1 7  ? 3.997   4.317  -2.324  1.00 0.00 ? 133 GLN A NE2  1 
ATOM   83  H H    . GLN A 1 7  ? 3.369   4.045  2.280   1.00 0.00 ? 133 GLN A H    1 
ATOM   84  H HA   . GLN A 1 7  ? 3.498   1.128  1.624   1.00 0.00 ? 133 GLN A HA   1 
ATOM   85  H HB2  . GLN A 1 7  ? 5.170   3.502  0.656   1.00 0.00 ? 133 GLN A HB2  1 
ATOM   86  H HB3  . GLN A 1 7  ? 5.484   1.832  0.160   1.00 0.00 ? 133 GLN A HB3  1 
ATOM   87  H HG2  . GLN A 1 7  ? 3.133   1.628  -0.729  1.00 0.00 ? 133 GLN A HG2  1 
ATOM   88  H HG3  . GLN A 1 7  ? 2.787   3.285  -0.273  1.00 0.00 ? 133 GLN A HG3  1 
ATOM   89  H HE21 . GLN A 1 7  ? 3.506   4.926  -1.660  1.00 0.00 ? 133 GLN A HE21 1 
ATOM   90  H HE22 . GLN A 1 7  ? 4.371   4.583  -3.242  1.00 0.00 ? 133 GLN A HE22 1 
ATOM   91  N N    . ASP A 1 8  ? 5.021   0.371  3.456   1.00 0.00 ? 134 ASP A N    1 
ATOM   92  C CA   . ASP A 1 8  ? 5.917   -0.243 4.480   1.00 0.00 ? 134 ASP A CA   1 
ATOM   93  C C    . ASP A 1 8  ? 6.189   -1.761 4.162   1.00 0.00 ? 134 ASP A C    1 
ATOM   94  O O    . ASP A 1 8  ? 5.469   -2.346 3.342   1.00 0.00 ? 134 ASP A O    1 
ATOM   95  C CB   . ASP A 1 8  ? 5.244   -0.079 5.878   1.00 0.00 ? 134 ASP A CB   1 
ATOM   96  C CG   . ASP A 1 8  ? 5.374   1.332  6.470   1.00 0.00 ? 134 ASP A CG   1 
ATOM   97  O OD1  . ASP A 1 8  ? 4.570   2.219  6.110   1.00 0.00 ? 134 ASP A OD1  1 
ATOM   98  O OD2  . ASP A 1 8  ? 6.289   1.561  7.292   1.00 0.00 ? 134 ASP A OD2  1 
ATOM   99  H H    . ASP A 1 8  ? 4.140   -0.079 3.184   1.00 0.00 ? 134 ASP A H    1 
ATOM   100 H HA   . ASP A 1 8  ? 6.894   0.278  4.479   1.00 0.00 ? 134 ASP A HA   1 
ATOM   101 H HB2  . ASP A 1 8  ? 4.180   -0.387 5.839   1.00 0.00 ? 134 ASP A HB2  1 
ATOM   102 H HB3  . ASP A 1 8  ? 5.707   -0.773 6.604   1.00 0.00 ? 134 ASP A HB3  1 
ATOM   103 N N    . PRO A 1 9  ? 7.178   -2.470 4.798   1.00 0.00 ? 135 PRO A N    1 
ATOM   104 C CA   . PRO A 1 9  ? 7.418   -3.930 4.583   1.00 0.00 ? 135 PRO A CA   1 
ATOM   105 C C    . PRO A 1 9  ? 6.232   -4.920 4.812   1.00 0.00 ? 135 PRO A C    1 
ATOM   106 O O    . PRO A 1 9  ? 6.067   -5.842 4.008   1.00 0.00 ? 135 PRO A O    1 
ATOM   107 C CB   . PRO A 1 9  ? 8.610   -4.228 5.514   1.00 0.00 ? 135 PRO A CB   1 
ATOM   108 C CG   . PRO A 1 9  ? 9.347   -2.899 5.656   1.00 0.00 ? 135 PRO A CG   1 
ATOM   109 C CD   . PRO A 1 9  ? 8.229   -1.854 5.635   1.00 0.00 ? 135 PRO A CD   1 
ATOM   110 H HA   . PRO A 1 9  ? 7.736   -4.053 3.530   1.00 0.00 ? 135 PRO A HA   1 
ATOM   111 H HB2  . PRO A 1 9  ? 8.278   -4.570 6.514   1.00 0.00 ? 135 PRO A HB2  1 
ATOM   112 H HB3  . PRO A 1 9  ? 9.263   -5.025 5.112   1.00 0.00 ? 135 PRO A HB3  1 
ATOM   113 H HG2  . PRO A 1 9  ? 9.959   -2.846 6.575   1.00 0.00 ? 135 PRO A HG2  1 
ATOM   114 H HG3  . PRO A 1 9  ? 10.031  -2.747 4.798   1.00 0.00 ? 135 PRO A HG3  1 
ATOM   115 H HD2  . PRO A 1 9  ? 7.852   -1.654 6.655   1.00 0.00 ? 135 PRO A HD2  1 
ATOM   116 H HD3  . PRO A 1 9  ? 8.603   -0.898 5.225   1.00 0.00 ? 135 PRO A HD3  1 
ATOM   117 N N    . MET A 1 10 ? 5.401   -4.715 5.856   1.00 0.00 ? 136 MET A N    1 
ATOM   118 C CA   . MET A 1 10 ? 4.153   -5.514 6.068   1.00 0.00 ? 136 MET A CA   1 
ATOM   119 C C    . MET A 1 10 ? 2.955   -5.124 5.125   1.00 0.00 ? 136 MET A C    1 
ATOM   120 O O    . MET A 1 10 ? 2.073   -5.956 4.897   1.00 0.00 ? 136 MET A O    1 
ATOM   121 C CB   . MET A 1 10 ? 3.778   -5.374 7.572   1.00 0.00 ? 136 MET A CB   1 
ATOM   122 C CG   . MET A 1 10 ? 2.693   -6.339 8.090   1.00 0.00 ? 136 MET A CG   1 
ATOM   123 S SD   . MET A 1 10 ? 3.159   -8.066 7.820   1.00 0.00 ? 136 MET A SD   1 
ATOM   124 C CE   . MET A 1 10 ? 4.280   -8.377 9.202   1.00 0.00 ? 136 MET A CE   1 
ATOM   125 H H    . MET A 1 10 ? 5.637   -3.909 6.445   1.00 0.00 ? 136 MET A H    1 
ATOM   126 H HA   . MET A 1 10 ? 4.385   -6.574 5.866   1.00 0.00 ? 136 MET A HA   1 
ATOM   127 H HB2  . MET A 1 10 ? 4.675   -5.534 8.200   1.00 0.00 ? 136 MET A HB2  1 
ATOM   128 H HB3  . MET A 1 10 ? 3.463   -4.335 7.787   1.00 0.00 ? 136 MET A HB3  1 
ATOM   129 H HG2  . MET A 1 10 ? 2.506   -6.167 9.167   1.00 0.00 ? 136 MET A HG2  1 
ATOM   130 H HG3  . MET A 1 10 ? 1.729   -6.146 7.584   1.00 0.00 ? 136 MET A HG3  1 
ATOM   131 H HE1  . MET A 1 10 ? 3.779   -8.184 10.168  1.00 0.00 ? 136 MET A HE1  1 
ATOM   132 H HE2  . MET A 1 10 ? 4.616   -9.430 9.196   1.00 0.00 ? 136 MET A HE2  1 
ATOM   133 H HE3  . MET A 1 10 ? 5.175   -7.734 9.139   1.00 0.00 ? 136 MET A HE3  1 
ATOM   134 N N    . PHE A 1 11 ? 2.945   -3.899 4.561   1.00 0.00 ? 137 PHE A N    1 
ATOM   135 C CA   . PHE A 1 11 ? 1.954   -3.448 3.548   1.00 0.00 ? 137 PHE A CA   1 
ATOM   136 C C    . PHE A 1 11 ? 2.336   -3.994 2.136   1.00 0.00 ? 137 PHE A C    1 
ATOM   137 O O    . PHE A 1 11 ? 3.515   -4.182 1.819   1.00 0.00 ? 137 PHE A O    1 
ATOM   138 C CB   . PHE A 1 11 ? 1.962   -1.893 3.610   1.00 0.00 ? 137 PHE A CB   1 
ATOM   139 C CG   . PHE A 1 11 ? 1.013   -1.109 2.682   1.00 0.00 ? 137 PHE A CG   1 
ATOM   140 C CD1  . PHE A 1 11 ? 1.460   -0.694 1.421   1.00 0.00 ? 137 PHE A CD1  1 
ATOM   141 C CD2  . PHE A 1 11 ? -0.220  -0.647 3.156   1.00 0.00 ? 137 PHE A CD2  1 
ATOM   142 C CE1  . PHE A 1 11 ? 0.705   0.201  0.666   1.00 0.00 ? 137 PHE A CE1  1 
ATOM   143 C CE2  . PHE A 1 11 ? -0.972  0.249  2.399   1.00 0.00 ? 137 PHE A CE2  1 
ATOM   144 C CZ   . PHE A 1 11 ? -0.498  0.684  1.164   1.00 0.00 ? 137 PHE A CZ   1 
ATOM   145 H H    . PHE A 1 11 ? 3.820   -3.387 4.726   1.00 0.00 ? 137 PHE A H    1 
ATOM   146 H HA   . PHE A 1 11 ? 0.944   -3.806 3.836   1.00 0.00 ? 137 PHE A HA   1 
ATOM   147 H HB2  . PHE A 1 11 ? 1.763   -1.574 4.655   1.00 0.00 ? 137 PHE A HB2  1 
ATOM   148 H HB3  . PHE A 1 11 ? 2.990   -1.527 3.431   1.00 0.00 ? 137 PHE A HB3  1 
ATOM   149 H HD1  . PHE A 1 11 ? 2.418   -1.021 1.042   1.00 0.00 ? 137 PHE A HD1  1 
ATOM   150 H HD2  . PHE A 1 11 ? -0.575  -0.936 4.136   1.00 0.00 ? 137 PHE A HD2  1 
ATOM   151 H HE1  . PHE A 1 11 ? 1.069   0.548  -0.289  1.00 0.00 ? 137 PHE A HE1  1 
ATOM   152 H HE2  . PHE A 1 11 ? -1.907  0.629  2.783   1.00 0.00 ? 137 PHE A HE2  1 
ATOM   153 H HZ   . PHE A 1 11 ? -1.055  1.412  0.594   1.00 0.00 ? 137 PHE A HZ   1 
ATOM   154 N N    . THR A 1 12 ? 1.308   -4.222 1.298   1.00 0.00 ? 138 THR A N    1 
ATOM   155 C CA   . THR A 1 12 ? 1.487   -4.672 -0.111  1.00 0.00 ? 138 THR A CA   1 
ATOM   156 C C    . THR A 1 12 ? 1.162   -3.462 -1.052  1.00 0.00 ? 138 THR A C    1 
ATOM   157 O O    . THR A 1 12 ? -0.027  -3.159 -1.217  1.00 0.00 ? 138 THR A O    1 
ATOM   158 C CB   . THR A 1 12 ? 0.612   -5.922 -0.445  1.00 0.00 ? 138 THR A CB   1 
ATOM   159 O OG1  . THR A 1 12 ? -0.757  -5.707 -0.108  1.00 0.00 ? 138 THR A OG1  1 
ATOM   160 C CG2  . THR A 1 12 ? 1.081   -7.205 0.264   1.00 0.00 ? 138 THR A CG2  1 
ATOM   161 H H    . THR A 1 12 ? 0.380   -4.022 1.687   1.00 0.00 ? 138 THR A H    1 
ATOM   162 H HA   . THR A 1 12 ? 2.532   -4.992 -0.290  1.00 0.00 ? 138 THR A HA   1 
ATOM   163 H HB   . THR A 1 12 ? 0.676   -6.104 -1.534  1.00 0.00 ? 138 THR A HB   1 
ATOM   164 H HG1  . THR A 1 12 ? -0.777  -5.567 0.842   1.00 0.00 ? 138 THR A HG1  1 
ATOM   165 H HG21 . THR A 1 12 ? 2.130   -7.448 0.011   1.00 0.00 ? 138 THR A HG21 1 
ATOM   166 H HG22 . THR A 1 12 ? 1.017   -7.117 1.364   1.00 0.00 ? 138 THR A HG22 1 
ATOM   167 H HG23 . THR A 1 12 ? 0.466   -8.074 -0.034  1.00 0.00 ? 138 THR A HG23 1 
ATOM   168 N N    . PRO A 1 13 ? 2.139   -2.754 -1.703  1.00 0.00 ? 139 PRO A N    1 
ATOM   169 C CA   . PRO A 1 13 ? 1.851   -1.640 -2.651  1.00 0.00 ? 139 PRO A CA   1 
ATOM   170 C C    . PRO A 1 13 ? 0.973   -1.959 -3.897  1.00 0.00 ? 139 PRO A C    1 
ATOM   171 O O    . PRO A 1 13 ? 0.092   -1.165 -4.235  1.00 0.00 ? 139 PRO A O    1 
ATOM   172 C CB   . PRO A 1 13 ? 3.257   -1.127 -3.030  1.00 0.00 ? 139 PRO A CB   1 
ATOM   173 C CG   . PRO A 1 13 ? 4.158   -1.532 -1.868  1.00 0.00 ? 139 PRO A CG   1 
ATOM   174 C CD   . PRO A 1 13 ? 3.582   -2.869 -1.407  1.00 0.00 ? 139 PRO A CD   1 
ATOM   175 H HA   . PRO A 1 13 ? 1.326   -0.853 -2.089  1.00 0.00 ? 139 PRO A HA   1 
ATOM   176 H HB2  . PRO A 1 13 ? 3.627   -1.593 -3.964  1.00 0.00 ? 139 PRO A HB2  1 
ATOM   177 H HB3  . PRO A 1 13 ? 3.272   -0.035 -3.188  1.00 0.00 ? 139 PRO A HB3  1 
ATOM   178 H HG2  . PRO A 1 13 ? 5.222   -1.605 -2.159  1.00 0.00 ? 139 PRO A HG2  1 
ATOM   179 H HG3  . PRO A 1 13 ? 4.091   -0.783 -1.054  1.00 0.00 ? 139 PRO A HG3  1 
ATOM   180 H HD2  . PRO A 1 13 ? 4.020   -3.717 -1.967  1.00 0.00 ? 139 PRO A HD2  1 
ATOM   181 H HD3  . PRO A 1 13 ? 3.797   -3.021 -0.337  1.00 0.00 ? 139 PRO A HD3  1 
ATOM   182 N N    . LYS A 1 14 ? 1.195   -3.115 -4.552  1.00 0.00 ? 140 LYS A N    1 
ATOM   183 C CA   . LYS A 1 14 ? 0.391   -3.566 -5.720  1.00 0.00 ? 140 LYS A CA   1 
ATOM   184 C C    . LYS A 1 14 ? -1.029  -4.004 -5.241  1.00 0.00 ? 140 LYS A C    1 
ATOM   185 O O    . LYS A 1 14 ? -1.174  -4.969 -4.482  1.00 0.00 ? 140 LYS A O    1 
ATOM   186 C CB   . LYS A 1 14 ? 1.165   -4.700 -6.445  1.00 0.00 ? 140 LYS A CB   1 
ATOM   187 C CG   . LYS A 1 14 ? 0.577   -5.098 -7.819  1.00 0.00 ? 140 LYS A CG   1 
ATOM   188 C CD   . LYS A 1 14 ? 1.361   -6.193 -8.570  1.00 0.00 ? 140 LYS A CD   1 
ATOM   189 C CE   . LYS A 1 14 ? 2.724   -5.734 -9.127  1.00 0.00 ? 140 LYS A CE   1 
ATOM   190 N NZ   . LYS A 1 14 ? 3.387   -6.812 -9.883  1.00 0.00 ? 140 LYS A NZ   1 
ATOM   191 H H    . LYS A 1 14 ? 1.917   -3.692 -4.110  1.00 0.00 ? 140 LYS A H    1 
ATOM   192 H HA   . LYS A 1 14 ? 0.314   -2.716 -6.430  1.00 0.00 ? 140 LYS A HA   1 
ATOM   193 H HB2  . LYS A 1 14 ? 2.211   -4.376 -6.602  1.00 0.00 ? 140 LYS A HB2  1 
ATOM   194 H HB3  . LYS A 1 14 ? 1.231   -5.595 -5.796  1.00 0.00 ? 140 LYS A HB3  1 
ATOM   195 H HG2  . LYS A 1 14 ? -0.459  -5.458 -7.673  1.00 0.00 ? 140 LYS A HG2  1 
ATOM   196 H HG3  . LYS A 1 14 ? 0.482   -4.203 -8.464  1.00 0.00 ? 140 LYS A HG3  1 
ATOM   197 H HD2  . LYS A 1 14 ? 1.492   -7.073 -7.910  1.00 0.00 ? 140 LYS A HD2  1 
ATOM   198 H HD3  . LYS A 1 14 ? 0.731   -6.550 -9.407  1.00 0.00 ? 140 LYS A HD3  1 
ATOM   199 H HE2  . LYS A 1 14 ? 2.595   -4.858 -9.788  1.00 0.00 ? 140 LYS A HE2  1 
ATOM   200 H HE3  . LYS A 1 14 ? 3.393   -5.410 -8.309  1.00 0.00 ? 140 LYS A HE3  1 
ATOM   201 H HZ1  . LYS A 1 14 ? 2.818   -7.121 -10.679 1.00 0.00 ? 140 LYS A HZ1  1 
ATOM   202 H HZ2  . LYS A 1 14 ? 4.293   -6.509 -10.256 1.00 0.00 ? 140 LYS A HZ2  1 
ATOM   203 H HZ3  . LYS A 1 14 ? 3.561   -7.634 -9.296  1.00 0.00 ? 140 LYS A HZ3  1 
ATOM   204 N N    . GLY A 1 15 ? -2.047  -3.249 -5.683  1.00 0.00 ? 141 GLY A N    1 
ATOM   205 C CA   . GLY A 1 15 ? -3.450  -3.417 -5.220  1.00 0.00 ? 141 GLY A CA   1 
ATOM   206 C C    . GLY A 1 15 ? -3.975  -2.338 -4.233  1.00 0.00 ? 141 GLY A C    1 
ATOM   207 O O    . GLY A 1 15 ? -5.191  -2.132 -4.199  1.00 0.00 ? 141 GLY A O    1 
ATOM   208 H H    . GLY A 1 15 ? -1.767  -2.451 -6.264  1.00 0.00 ? 141 GLY A H    1 
ATOM   209 H HA2  . GLY A 1 15 ? -4.110  -3.431 -6.107  1.00 0.00 ? 141 GLY A HA2  1 
ATOM   210 H HA3  . GLY A 1 15 ? -3.591  -4.399 -4.731  1.00 0.00 ? 141 GLY A HA3  1 
ATOM   211 N N    . CYS A 1 16 ? -3.104  -1.658 -3.453  1.00 0.00 ? 142 CYS A N    1 
ATOM   212 C CA   . CYS A 1 16 ? -3.503  -0.555 -2.543  1.00 0.00 ? 142 CYS A CA   1 
ATOM   213 C C    . CYS A 1 16 ? -2.931  0.769  -3.126  1.00 0.00 ? 142 CYS A C    1 
ATOM   214 O O    . CYS A 1 16 ? -3.659  1.443  -3.860  1.00 0.00 ? 142 CYS A O    1 
ATOM   215 C CB   . CYS A 1 16 ? -3.086  -0.902 -1.093  1.00 0.00 ? 142 CYS A CB   1 
ATOM   216 S SG   . CYS A 1 16 ? -3.533  0.445  0.023   1.00 0.00 ? 142 CYS A SG   1 
ATOM   217 H H    . CYS A 1 16 ? -2.119  -1.907 -3.602  1.00 0.00 ? 142 CYS A H    1 
ATOM   218 H HA   . CYS A 1 16 ? -4.604  -0.447 -2.515  1.00 0.00 ? 142 CYS A HA   1 
ATOM   219 H HB2  . CYS A 1 16 ? -3.577  -1.833 -0.753  1.00 0.00 ? 142 CYS A HB2  1 
ATOM   220 H HB3  . CYS A 1 16 ? -1.995  -1.067 -1.021  1.00 0.00 ? 142 CYS A HB3  1 
ATOM   221 N N    . ASP A 1 17 ? -1.670  1.148  -2.817  1.00 0.00 ? 143 ASP A N    1 
ATOM   222 C CA   . ASP A 1 17 ? -1.032  2.380  -3.359  1.00 0.00 ? 143 ASP A CA   1 
ATOM   223 C C    . ASP A 1 17 ? 0.392   1.995  -3.834  1.00 0.00 ? 143 ASP A C    1 
ATOM   224 O O    . ASP A 1 17 ? 1.287   1.763  -3.013  1.00 0.00 ? 143 ASP A O    1 
ATOM   225 C CB   . ASP A 1 17 ? -0.992  3.515  -2.299  1.00 0.00 ? 143 ASP A CB   1 
ATOM   226 C CG   . ASP A 1 17 ? -2.372  4.115  -1.992  1.00 0.00 ? 143 ASP A CG   1 
ATOM   227 O OD1  . ASP A 1 17 ? -3.100  3.538  -1.156  1.00 0.00 ? 143 ASP A OD1  1 
ATOM   228 O OD2  . ASP A 1 17 ? -2.736  5.153  -2.587  1.00 0.00 ? 143 ASP A OD2  1 
ATOM   229 H H    . ASP A 1 17 ? -1.167  0.507  -2.193  1.00 0.00 ? 143 ASP A H    1 
ATOM   230 H HA   . ASP A 1 17 ? -1.605  2.765  -4.229  1.00 0.00 ? 143 ASP A HA   1 
ATOM   231 H HB2  . ASP A 1 17 ? -0.520  3.155  -1.364  1.00 0.00 ? 143 ASP A HB2  1 
ATOM   232 H HB3  . ASP A 1 17 ? -0.343  4.334  -2.663  1.00 0.00 ? 143 ASP A HB3  1 
ATOM   233 N N    . ASN A 1 18 ? 0.582   1.925  -5.165  1.00 0.00 ? 144 ASN A N    1 
ATOM   234 C CA   . ASN A 1 18 ? 1.871   1.522  -5.784  1.00 0.00 ? 144 ASN A CA   1 
ATOM   235 C C    . ASN A 1 18 ? 2.660   2.793  -6.174  1.00 0.00 ? 144 ASN A C    1 
ATOM   236 O O    . ASN A 1 18 ? 3.702   3.063  -5.538  1.00 0.00 ? 144 ASN A O    1 
ATOM   237 C CB   . ASN A 1 18 ? 1.576   0.575  -6.981  1.00 0.00 ? 144 ASN A CB   1 
ATOM   238 C CG   . ASN A 1 18 ? 2.818   -0.112 -7.585  1.00 0.00 ? 144 ASN A CG   1 
ATOM   239 O OD1  . ASN A 1 18 ? 3.449   0.407  -8.506  1.00 0.00 ? 144 ASN A OD1  1 
ATOM   240 N ND2  . ASN A 1 18 ? 3.192   -1.282 -7.087  1.00 0.00 ? 144 ASN A ND2  1 
ATOM   241 O OXT  . ASN A 1 18 ? 2.252   3.520  -7.110  1.00 0.00 ? 144 ASN A OXT  1 
ATOM   242 H H    . ASN A 1 18 ? -0.246  2.140  -5.731  1.00 0.00 ? 144 ASN A H    1 
ATOM   243 H HA   . ASN A 1 18 ? 2.478   0.949  -5.058  1.00 0.00 ? 144 ASN A HA   1 
ATOM   244 H HB2  . ASN A 1 18 ? 0.850   -0.207 -6.678  1.00 0.00 ? 144 ASN A HB2  1 
ATOM   245 H HB3  . ASN A 1 18 ? 1.053   1.129  -7.786  1.00 0.00 ? 144 ASN A HB3  1 
ATOM   246 H HD21 . ASN A 1 18 ? 2.623   -1.659 -6.322  1.00 0.00 ? 144 ASN A HD21 1 
ATOM   247 H HD22 . ASN A 1 18 ? 4.022   -1.715 -7.508  1.00 0.00 ? 144 ASN A HD22 1 
# 
